data_6S48
#
_entry.id   6S48
#
_cell.length_a   37.129
_cell.length_b   116.210
_cell.length_c   56.774
_cell.angle_alpha   90.00
_cell.angle_beta   102.91
_cell.angle_gamma   90.00
#
_symmetry.space_group_name_H-M   'P 1 21 1'
#
loop_
_entity.id
_entity.type
_entity.pdbx_description
1 polymer 'Type II site-specific deoxyribonuclease'
2 polymer "DNA (5'-D(*GP*AP*TP*GP*GP*TP*CP*CP*TP*AP*C)-3')"
3 polymer "DNA (5'-D(*GP*TP*AP*G)-3')"
4 polymer "DNA (5'-D(P*GP*AP*CP*CP*AP*TP*C)-3')"
5 polymer "DNA (5'-D(*GP*AP*TP*G)-3')"
6 polymer "DNA (5'-D(P*GP*TP*CP*CP*TP*AP*C)-3')"
7 non-polymer 'CALCIUM ION'
8 non-polymer BETA-MERCAPTOETHANOL
9 non-polymer 'PENTAETHYLENE GLYCOL'
10 non-polymer 'TRIETHYLENE GLYCOL'
11 non-polymer SERINE
12 water water
#
loop_
_entity_poly.entity_id
_entity_poly.type
_entity_poly.pdbx_seq_one_letter_code
_entity_poly.pdbx_strand_id
1 'polypeptide(L)'
;MGSKFIQNAAEIAKKAMDSVDPSLSEKFTIVIRFLTDNPDAASALKGKERSIVGTEEYIIASATNFKKGRDPRTPLPPST
IPDEMVSVILNKYFEVPSEELEKAEEWHRLSMGAENIVGDLLERYIAEVIEPHGWIWCSGSMVRAVDFIYCDSENVWQSL
QVKNRDNTENSSSAAIRHGTPIKKWFRTFSKKRGDNWDKFPSLEGKENLSEKGFKLYVEKYLSALRAIKALEHHHHHH
;
A,B
2 'polydeoxyribonucleotide' (DG)(DA)(DT)(DG)(DG)(DT)(DC)(DC)(DT)(DA)(DC) C
3 'polydeoxyribonucleotide' (DG)(DT)(DA)(DG) D,H
4 'polydeoxyribonucleotide' (DG)(DA)(DC)(DC)(DA)(DT)(DC) E,I
5 'polydeoxyribonucleotide' (DG)(DA)(DT)(DG) F
6 'polydeoxyribonucleotide' (DG)(DT)(DC)(DC)(DT)(DA)(DC) G
#
loop_
_chem_comp.id
_chem_comp.type
_chem_comp.name
_chem_comp.formula
1PE non-polymer 'PENTAETHYLENE GLYCOL' 'C10 H22 O6'
BME non-polymer BETA-MERCAPTOETHANOL 'C2 H6 O S'
CA non-polymer 'CALCIUM ION' 'Ca 2'
DA DNA linking 2'-DEOXYADENOSINE-5'-MONOPHOSPHATE 'C10 H14 N5 O6 P'
DC DNA linking 2'-DEOXYCYTIDINE-5'-MONOPHOSPHATE 'C9 H14 N3 O7 P'
DG DNA linking 2'-DEOXYGUANOSINE-5'-MONOPHOSPHATE 'C10 H14 N5 O7 P'
DT DNA linking THYMIDINE-5'-MONOPHOSPHATE 'C10 H15 N2 O8 P'
PGE non-polymer 'TRIETHYLENE GLYCOL' 'C6 H14 O4'
#
# COMPACT_ATOMS: atom_id res chain seq x y z
N LYS A 4 27.22 3.73 13.42
CA LYS A 4 26.28 4.81 12.97
C LYS A 4 25.74 5.59 14.19
N PHE A 5 25.41 4.89 15.27
CA PHE A 5 24.96 5.56 16.50
C PHE A 5 26.11 6.01 17.37
N ILE A 6 26.00 7.22 17.93
CA ILE A 6 27.04 7.72 18.83
C ILE A 6 27.18 6.86 20.07
N GLN A 7 28.42 6.87 20.57
CA GLN A 7 28.88 6.05 21.67
C GLN A 7 28.05 6.20 22.97
N ASN A 8 27.47 7.38 23.20
CA ASN A 8 26.62 7.63 24.38
C ASN A 8 25.15 7.88 23.99
N ALA A 9 24.68 7.22 22.93
CA ALA A 9 23.30 7.38 22.47
C ALA A 9 22.26 7.16 23.57
N ALA A 10 22.48 6.15 24.41
CA ALA A 10 21.56 5.84 25.53
C ALA A 10 21.39 7.00 26.48
N GLU A 11 22.52 7.64 26.81
CA GLU A 11 22.55 8.74 27.77
C GLU A 11 21.92 10.01 27.19
N ILE A 12 22.22 10.29 25.93
CA ILE A 12 21.58 11.39 25.18
C ILE A 12 20.06 11.17 25.17
N ALA A 13 19.64 9.93 24.92
CA ALA A 13 18.24 9.57 24.79
C ALA A 13 17.47 9.75 26.10
N LYS A 14 18.05 9.25 27.19
CA LYS A 14 17.45 9.38 28.52
C LYS A 14 17.30 10.84 28.90
N LYS A 15 18.38 11.59 28.69
CA LYS A 15 18.36 13.03 28.88
C LYS A 15 17.32 13.72 28.00
N ALA A 16 17.29 13.37 26.72
CA ALA A 16 16.35 13.98 25.77
C ALA A 16 14.90 13.74 26.20
N MET A 17 14.56 12.50 26.54
CA MET A 17 13.18 12.19 26.93
C MET A 17 12.83 12.67 28.34
N ASP A 18 13.80 12.74 29.27
CA ASP A 18 13.56 13.41 30.59
C ASP A 18 13.09 14.88 30.44
N SER A 19 13.49 15.55 29.35
N SER A 19 13.49 15.55 29.35
CA SER A 19 13.04 16.91 29.03
CA SER A 19 13.05 16.91 29.03
C SER A 19 11.76 17.01 28.20
C SER A 19 11.78 17.01 28.16
N VAL A 20 11.13 15.88 27.87
CA VAL A 20 9.93 15.83 27.04
C VAL A 20 8.79 15.19 27.85
N ASP A 21 8.98 13.94 28.27
CA ASP A 21 8.04 13.25 29.11
C ASP A 21 8.79 12.14 29.86
N PRO A 22 9.20 12.40 31.12
CA PRO A 22 9.93 11.46 31.96
C PRO A 22 9.28 10.09 32.07
N SER A 23 7.94 10.05 32.06
CA SER A 23 7.25 8.75 32.04
C SER A 23 7.54 7.92 30.78
N LEU A 24 7.94 8.57 29.68
CA LEU A 24 8.32 7.83 28.46
C LEU A 24 9.82 7.48 28.35
N SER A 25 10.64 7.95 29.30
CA SER A 25 12.11 7.84 29.21
C SER A 25 12.64 6.42 29.19
N GLU A 26 12.15 5.56 30.07
CA GLU A 26 12.55 4.16 30.02
C GLU A 26 12.22 3.54 28.63
N LYS A 27 11.00 3.75 28.15
CA LYS A 27 10.55 3.19 26.86
C LYS A 27 11.37 3.68 25.67
N PHE A 28 11.56 5.00 25.60
CA PHE A 28 12.37 5.62 24.55
C PHE A 28 13.82 5.15 24.52
N THR A 29 14.44 5.01 25.70
N THR A 29 14.43 5.01 25.69
CA THR A 29 15.83 4.57 25.78
CA THR A 29 15.82 4.56 25.79
C THR A 29 16.00 3.15 25.28
C THR A 29 15.99 3.15 25.27
N ILE A 30 15.01 2.30 25.55
CA ILE A 30 14.97 0.94 25.05
C ILE A 30 14.85 0.92 23.51
N VAL A 31 14.00 1.77 22.94
CA VAL A 31 13.91 1.86 21.48
C VAL A 31 15.25 2.25 20.86
N ILE A 32 15.91 3.24 21.45
CA ILE A 32 17.25 3.66 21.02
C ILE A 32 18.26 2.49 21.15
N ARG A 33 18.18 1.71 22.22
CA ARG A 33 19.05 0.53 22.37
C ARG A 33 18.80 -0.49 21.26
N PHE A 34 17.53 -0.75 20.94
CA PHE A 34 17.16 -1.57 19.78
C PHE A 34 17.83 -1.03 18.52
N LEU A 35 17.65 0.26 18.28
CA LEU A 35 18.27 0.89 17.12
C LEU A 35 19.80 0.90 17.11
N THR A 36 20.42 1.04 18.28
N THR A 36 20.45 1.04 18.27
CA THR A 36 21.88 1.01 18.42
CA THR A 36 21.92 1.02 18.33
C THR A 36 22.48 -0.33 17.97
C THR A 36 22.49 -0.35 17.94
N ASP A 37 21.83 -1.41 18.38
CA ASP A 37 22.19 -2.78 17.96
C ASP A 37 21.76 -3.09 16.51
N ASN A 38 20.69 -2.45 16.02
CA ASN A 38 20.14 -2.70 14.69
C ASN A 38 20.07 -1.39 13.85
N PRO A 39 21.23 -0.77 13.55
CA PRO A 39 21.19 0.58 12.97
C PRO A 39 20.48 0.72 11.62
N ASP A 40 20.51 -0.34 10.80
CA ASP A 40 19.75 -0.33 9.53
C ASP A 40 18.23 -0.37 9.69
N ALA A 41 17.76 -0.74 10.89
CA ALA A 41 16.32 -0.69 11.23
C ALA A 41 15.81 0.72 11.53
N ALA A 42 16.73 1.67 11.69
CA ALA A 42 16.37 3.06 11.99
C ALA A 42 15.82 3.77 10.76
N SER A 43 14.55 4.17 10.84
CA SER A 43 13.94 4.97 9.78
C SER A 43 14.58 6.35 9.69
N ALA A 44 14.67 6.86 8.46
CA ALA A 44 15.11 8.22 8.22
C ALA A 44 14.19 9.21 8.90
N LEU A 45 14.76 10.33 9.37
CA LEU A 45 13.95 11.49 9.76
C LEU A 45 13.36 12.07 8.48
N LYS A 46 12.08 12.41 8.55
CA LYS A 46 11.26 12.75 7.37
C LYS A 46 11.91 13.74 6.41
N GLY A 47 12.49 14.81 6.95
CA GLY A 47 13.14 15.85 6.16
C GLY A 47 14.54 15.53 5.66
N LYS A 48 15.39 15.08 6.58
CA LYS A 48 16.85 15.09 6.39
C LYS A 48 17.42 13.77 5.83
N GLU A 49 18.72 13.81 5.53
CA GLU A 49 19.46 12.70 4.90
C GLU A 49 19.75 11.53 5.88
N ARG A 50 19.98 10.34 5.33
CA ARG A 50 20.31 9.12 6.11
C ARG A 50 21.55 9.24 7.03
N SER A 51 22.56 10.00 6.61
CA SER A 51 23.83 10.13 7.37
C SER A 51 23.68 10.73 8.79
N ILE A 52 22.62 11.51 9.01
CA ILE A 52 22.32 12.09 10.34
C ILE A 52 21.73 11.08 11.34
N VAL A 53 21.28 9.92 10.86
CA VAL A 53 20.80 8.84 11.74
C VAL A 53 21.90 8.47 12.74
N GLY A 54 21.52 8.32 14.00
CA GLY A 54 22.43 8.01 15.10
C GLY A 54 23.17 9.15 15.79
N THR A 55 23.04 10.38 15.28
CA THR A 55 23.71 11.55 15.88
C THR A 55 22.92 12.07 17.08
N GLU A 56 23.53 12.98 17.83
CA GLU A 56 22.84 13.68 18.92
C GLU A 56 21.58 14.42 18.41
N GLU A 57 21.71 15.13 17.30
CA GLU A 57 20.57 15.85 16.71
C GLU A 57 19.39 14.90 16.44
N TYR A 58 19.69 13.74 15.86
CA TYR A 58 18.68 12.73 15.54
C TYR A 58 17.96 12.21 16.80
N ILE A 59 18.72 11.96 17.85
CA ILE A 59 18.16 11.44 19.09
C ILE A 59 17.18 12.44 19.73
N ILE A 60 17.56 13.71 19.78
CA ILE A 60 16.70 14.77 20.33
C ILE A 60 15.44 14.93 19.49
N ALA A 61 15.61 15.01 18.17
CA ALA A 61 14.50 15.14 17.25
C ALA A 61 13.56 13.95 17.37
N SER A 62 14.12 12.75 17.47
CA SER A 62 13.35 11.51 17.65
C SER A 62 12.54 11.51 18.93
N ALA A 63 13.08 12.07 20.01
CA ALA A 63 12.37 12.08 21.30
C ALA A 63 11.06 12.83 21.19
N THR A 64 11.08 13.97 20.54
CA THR A 64 9.87 14.74 20.32
C THR A 64 8.93 14.01 19.35
N ASN A 65 9.47 13.36 18.32
CA ASN A 65 8.64 12.55 17.41
C ASN A 65 7.99 11.36 18.14
N PHE A 66 8.75 10.70 19.00
CA PHE A 66 8.25 9.58 19.82
C PHE A 66 7.04 10.01 20.66
N LYS A 67 7.16 11.18 21.31
CA LYS A 67 6.07 11.75 22.09
C LYS A 67 4.92 12.20 21.18
N LYS A 68 5.24 12.94 20.11
CA LYS A 68 4.25 13.39 19.11
C LYS A 68 3.35 12.27 18.59
N GLY A 69 3.94 11.10 18.33
CA GLY A 69 3.21 9.96 17.84
C GLY A 69 2.18 9.40 18.80
N ARG A 70 2.29 9.77 20.08
CA ARG A 70 1.31 9.41 21.10
C ARG A 70 0.22 10.47 21.36
N ASP A 71 0.34 11.64 20.73
CA ASP A 71 -0.66 12.69 20.91
C ASP A 71 -1.97 12.27 20.24
N PRO A 72 -3.12 12.50 20.91
CA PRO A 72 -4.37 12.17 20.22
C PRO A 72 -4.49 12.99 18.94
N ARG A 73 -5.01 12.35 17.89
CA ARG A 73 -5.17 12.94 16.59
C ARG A 73 -6.65 13.05 16.32
N THR A 74 -7.09 14.22 15.85
CA THR A 74 -8.45 14.39 15.36
C THR A 74 -8.42 14.94 13.93
N PRO A 75 -8.20 14.08 12.91
CA PRO A 75 -8.06 14.62 11.55
C PRO A 75 -9.35 15.17 10.97
N LEU A 76 -9.19 16.06 10.01
CA LEU A 76 -10.31 16.61 9.26
C LEU A 76 -10.78 15.61 8.24
N PRO A 77 -12.00 15.79 7.70
CA PRO A 77 -12.37 14.96 6.56
C PRO A 77 -11.39 15.19 5.41
N PRO A 78 -11.17 14.16 4.58
CA PRO A 78 -10.24 14.38 3.46
C PRO A 78 -10.74 15.46 2.51
N SER A 79 -9.82 16.26 2.00
CA SER A 79 -10.17 17.29 1.02
C SER A 79 -9.35 17.06 -0.25
N THR A 80 -9.09 15.79 -0.54
CA THR A 80 -8.40 15.38 -1.76
C THR A 80 -9.28 15.60 -3.00
N ILE A 81 -8.64 15.67 -4.16
CA ILE A 81 -9.31 15.94 -5.43
C ILE A 81 -9.75 14.61 -6.07
N PRO A 82 -11.05 14.42 -6.26
CA PRO A 82 -11.50 13.11 -6.75
C PRO A 82 -11.02 12.79 -8.16
N ASP A 83 -10.80 11.50 -8.41
CA ASP A 83 -10.42 10.98 -9.72
C ASP A 83 -11.71 10.74 -10.48
N GLU A 84 -11.98 11.60 -11.45
N GLU A 84 -11.99 11.60 -11.45
CA GLU A 84 -13.18 11.52 -12.29
CA GLU A 84 -13.20 11.49 -12.29
C GLU A 84 -13.40 10.13 -12.92
C GLU A 84 -13.41 10.11 -12.90
N MET A 85 -12.32 9.46 -13.29
CA MET A 85 -12.41 8.11 -13.91
C MET A 85 -13.05 7.05 -13.01
N VAL A 86 -12.89 7.17 -11.69
CA VAL A 86 -13.59 6.29 -10.72
C VAL A 86 -15.10 6.37 -10.88
N SER A 87 -15.61 7.59 -11.04
CA SER A 87 -17.04 7.79 -11.23
C SER A 87 -17.55 7.22 -12.55
N VAL A 88 -16.71 7.33 -13.60
CA VAL A 88 -17.02 6.72 -14.91
C VAL A 88 -17.14 5.20 -14.78
N ILE A 89 -16.17 4.57 -14.11
CA ILE A 89 -16.23 3.12 -13.89
C ILE A 89 -17.48 2.73 -13.04
N LEU A 90 -17.73 3.43 -11.93
CA LEU A 90 -18.94 3.19 -11.13
C LEU A 90 -20.19 3.19 -11.97
N ASN A 91 -20.31 4.22 -12.81
CA ASN A 91 -21.50 4.43 -13.63
C ASN A 91 -21.68 3.40 -14.73
N LYS A 92 -20.63 3.20 -15.53
CA LYS A 92 -20.71 2.44 -16.78
C LYS A 92 -20.28 0.97 -16.67
N TYR A 93 -19.57 0.62 -15.60
CA TYR A 93 -19.20 -0.78 -15.34
C TYR A 93 -20.06 -1.37 -14.25
N PHE A 94 -20.14 -0.70 -13.09
CA PHE A 94 -20.90 -1.21 -11.94
C PHE A 94 -22.35 -0.69 -11.89
N GLU A 95 -22.75 0.07 -12.91
CA GLU A 95 -24.15 0.49 -13.08
C GLU A 95 -24.72 1.24 -11.88
N VAL A 96 -23.89 2.06 -11.22
CA VAL A 96 -24.36 2.99 -10.21
C VAL A 96 -25.04 4.15 -10.95
N PRO A 97 -26.31 4.47 -10.62
CA PRO A 97 -26.97 5.61 -11.28
C PRO A 97 -26.18 6.92 -11.17
N SER A 98 -26.20 7.70 -12.26
CA SER A 98 -25.54 9.02 -12.32
C SER A 98 -25.91 9.93 -11.17
N GLU A 99 -27.19 9.86 -10.77
CA GLU A 99 -27.75 10.66 -9.68
C GLU A 99 -27.07 10.43 -8.32
N GLU A 100 -26.50 9.24 -8.15
CA GLU A 100 -25.86 8.80 -6.89
C GLU A 100 -24.35 9.07 -6.80
N LEU A 101 -23.72 9.49 -7.91
CA LEU A 101 -22.26 9.54 -8.00
C LEU A 101 -21.63 10.56 -7.04
N GLU A 102 -22.31 11.68 -6.77
CA GLU A 102 -21.77 12.71 -5.89
C GLU A 102 -21.71 12.23 -4.44
N LYS A 103 -22.80 11.62 -3.98
N LYS A 103 -22.79 11.60 -3.97
CA LYS A 103 -22.88 11.02 -2.65
CA LYS A 103 -22.82 11.05 -2.62
C LYS A 103 -21.91 9.86 -2.50
C LYS A 103 -21.94 9.81 -2.48
N ALA A 104 -21.81 9.04 -3.55
CA ALA A 104 -20.86 7.93 -3.58
C ALA A 104 -19.43 8.43 -3.36
N GLU A 105 -19.04 9.45 -4.11
N GLU A 105 -19.05 9.45 -4.12
CA GLU A 105 -17.71 10.07 -3.96
CA GLU A 105 -17.74 10.10 -4.00
C GLU A 105 -17.46 10.56 -2.54
C GLU A 105 -17.45 10.60 -2.57
N GLU A 106 -18.45 11.26 -1.98
CA GLU A 106 -18.34 11.78 -0.62
C GLU A 106 -18.25 10.67 0.43
N TRP A 107 -19.13 9.68 0.36
CA TRP A 107 -19.11 8.60 1.32
C TRP A 107 -17.94 7.65 1.18
N HIS A 108 -17.46 7.47 -0.05
CA HIS A 108 -16.21 6.75 -0.30
C HIS A 108 -15.06 7.50 0.37
N ARG A 109 -14.99 8.82 0.14
CA ARG A 109 -13.91 9.62 0.71
C ARG A 109 -13.93 9.62 2.24
N LEU A 110 -15.11 9.79 2.82
CA LEU A 110 -15.28 9.74 4.26
C LEU A 110 -14.97 8.37 4.84
N SER A 111 -15.33 7.32 4.10
CA SER A 111 -15.03 5.96 4.51
C SER A 111 -13.51 5.71 4.52
N MET A 112 -12.79 6.29 3.56
CA MET A 112 -11.32 6.17 3.51
C MET A 112 -10.70 6.85 4.73
N GLY A 113 -11.14 8.06 5.03
CA GLY A 113 -10.77 8.76 6.28
C GLY A 113 -11.02 7.91 7.52
N ALA A 114 -12.18 7.27 7.59
CA ALA A 114 -12.54 6.44 8.73
C ALA A 114 -11.62 5.24 8.90
N GLU A 115 -11.31 4.56 7.80
CA GLU A 115 -10.36 3.45 7.80
C GLU A 115 -8.99 3.88 8.35
N ASN A 116 -8.52 5.03 7.90
CA ASN A 116 -7.25 5.57 8.37
C ASN A 116 -7.30 5.76 9.90
N ILE A 117 -8.40 6.32 10.40
CA ILE A 117 -8.62 6.51 11.83
C ILE A 117 -8.64 5.17 12.55
N VAL A 118 -9.29 4.15 11.97
CA VAL A 118 -9.37 2.82 12.60
C VAL A 118 -7.95 2.24 12.82
N GLY A 119 -7.09 2.36 11.82
CA GLY A 119 -5.71 1.88 11.93
C GLY A 119 -4.89 2.63 12.97
N ASP A 120 -5.08 3.96 13.04
CA ASP A 120 -4.46 4.79 14.07
C ASP A 120 -4.89 4.35 15.46
N LEU A 121 -6.20 4.23 15.65
CA LEU A 121 -6.73 3.81 16.95
C LEU A 121 -6.36 2.39 17.36
N LEU A 122 -6.17 1.52 16.36
CA LEU A 122 -5.83 0.14 16.61
C LEU A 122 -4.50 0.05 17.34
N GLU A 123 -3.54 0.81 16.84
CA GLU A 123 -2.20 0.84 17.41
C GLU A 123 -2.19 1.38 18.84
N ARG A 124 -2.94 2.46 19.04
CA ARG A 124 -3.03 3.13 20.34
C ARG A 124 -3.71 2.27 21.41
N TYR A 125 -4.78 1.58 21.01
CA TYR A 125 -5.45 0.62 21.90
C TYR A 125 -4.52 -0.50 22.35
N ILE A 126 -3.87 -1.14 21.37
CA ILE A 126 -2.91 -2.20 21.66
C ILE A 126 -1.81 -1.68 22.59
N ALA A 127 -1.24 -0.50 22.31
CA ALA A 127 -0.16 0.04 23.15
C ALA A 127 -0.61 0.27 24.62
N GLU A 128 -1.81 0.82 24.78
CA GLU A 128 -2.37 1.03 26.11
C GLU A 128 -2.47 -0.25 26.93
N VAL A 129 -2.78 -1.35 26.27
CA VAL A 129 -2.97 -2.65 26.93
C VAL A 129 -1.68 -3.40 27.16
N ILE A 130 -0.78 -3.45 26.17
CA ILE A 130 0.44 -4.30 26.27
C ILE A 130 1.71 -3.65 26.81
N GLU A 131 1.80 -2.32 26.78
CA GLU A 131 3.00 -1.63 27.34
C GLU A 131 3.23 -1.93 28.83
N PRO A 132 2.16 -2.04 29.64
CA PRO A 132 2.33 -2.47 31.04
C PRO A 132 2.88 -3.87 31.24
N HIS A 133 2.78 -4.72 30.22
CA HIS A 133 3.37 -6.05 30.22
C HIS A 133 4.76 -6.10 29.55
N GLY A 134 5.41 -4.94 29.36
CA GLY A 134 6.80 -4.90 28.91
C GLY A 134 7.05 -4.62 27.43
N TRP A 135 6.02 -4.73 26.59
CA TRP A 135 6.13 -4.33 25.19
C TRP A 135 6.36 -2.81 25.11
N ILE A 136 7.00 -2.35 24.04
CA ILE A 136 7.20 -0.92 23.82
C ILE A 136 6.61 -0.54 22.48
N TRP A 137 5.70 0.43 22.50
CA TRP A 137 5.16 1.02 21.30
C TRP A 137 6.23 1.93 20.67
N CYS A 138 6.66 1.61 19.44
CA CYS A 138 7.67 2.40 18.74
C CYS A 138 6.99 3.54 17.98
N SER A 139 6.48 4.50 18.74
CA SER A 139 5.72 5.62 18.19
C SER A 139 6.68 6.61 17.53
N GLY A 140 6.16 7.46 16.66
CA GLY A 140 6.97 8.43 15.93
C GLY A 140 7.79 7.86 14.78
N SER A 141 7.48 6.66 14.33
CA SER A 141 8.05 6.08 13.09
C SER A 141 9.59 5.90 13.14
N MET A 142 10.13 5.50 14.28
CA MET A 142 11.58 5.39 14.44
C MET A 142 12.15 4.09 13.89
N VAL A 143 11.39 3.01 14.03
CA VAL A 143 11.86 1.67 13.68
C VAL A 143 11.14 1.18 12.43
N ARG A 144 11.91 1.04 11.35
CA ARG A 144 11.38 0.68 10.04
C ARG A 144 10.55 -0.59 10.11
N ALA A 145 9.32 -0.50 9.59
CA ALA A 145 8.42 -1.67 9.47
C ALA A 145 7.96 -2.29 10.80
N VAL A 146 8.13 -1.58 11.91
CA VAL A 146 7.87 -2.10 13.27
C VAL A 146 6.96 -1.14 14.05
N ASP A 147 5.93 -1.72 14.69
CA ASP A 147 5.06 -1.01 15.63
C ASP A 147 5.43 -1.24 17.09
N PHE A 148 5.79 -2.47 17.43
CA PHE A 148 6.08 -2.88 18.82
C PHE A 148 7.33 -3.75 18.90
N ILE A 149 8.11 -3.57 19.97
CA ILE A 149 9.25 -4.46 20.27
C ILE A 149 9.10 -4.99 21.69
N TYR A 150 9.80 -6.09 21.96
CA TYR A 150 9.82 -6.71 23.28
C TYR A 150 11.14 -7.44 23.44
N CYS A 151 11.80 -7.26 24.58
CA CYS A 151 12.98 -8.05 24.91
C CYS A 151 12.46 -9.28 25.65
N ASP A 152 12.71 -10.46 25.09
CA ASP A 152 12.08 -11.72 25.56
C ASP A 152 12.89 -12.41 26.67
N SER A 153 12.37 -13.55 27.14
N SER A 153 12.38 -13.57 27.14
CA SER A 153 12.99 -14.36 28.20
CA SER A 153 12.99 -14.36 28.20
C SER A 153 14.48 -14.69 27.98
C SER A 153 14.47 -14.70 27.98
N GLU A 154 14.82 -15.05 26.73
CA GLU A 154 16.21 -15.39 26.37
C GLU A 154 17.04 -14.17 25.88
N ASN A 155 16.70 -12.95 26.34
CA ASN A 155 17.39 -11.72 25.93
C ASN A 155 17.50 -11.59 24.41
N VAL A 156 16.40 -11.90 23.72
CA VAL A 156 16.29 -11.73 22.27
C VAL A 156 15.17 -10.72 21.96
N TRP A 157 15.50 -9.77 21.10
CA TRP A 157 14.54 -8.78 20.63
C TRP A 157 13.45 -9.45 19.82
N GLN A 158 12.21 -9.05 20.07
CA GLN A 158 11.07 -9.42 19.24
C GLN A 158 10.48 -8.13 18.67
N SER A 159 10.03 -8.19 17.42
CA SER A 159 9.51 -7.03 16.68
C SER A 159 8.14 -7.41 16.11
N LEU A 160 7.16 -6.50 16.16
CA LEU A 160 5.82 -6.78 15.63
C LEU A 160 5.26 -5.62 14.83
N GLN A 161 4.62 -5.96 13.71
CA GLN A 161 3.90 -5.02 12.87
C GLN A 161 2.43 -5.39 12.97
N VAL A 162 1.59 -4.40 13.25
N VAL A 162 1.59 -4.44 13.33
CA VAL A 162 0.16 -4.59 13.37
CA VAL A 162 0.13 -4.67 13.34
C VAL A 162 -0.58 -3.91 12.21
C VAL A 162 -0.55 -3.94 12.21
N LYS A 163 -1.52 -4.63 11.58
CA LYS A 163 -2.33 -4.08 10.47
C LYS A 163 -3.79 -4.28 10.80
N ASN A 164 -4.67 -3.48 10.24
CA ASN A 164 -6.08 -3.68 10.50
C ASN A 164 -6.70 -4.91 9.84
N ARG A 165 -6.10 -5.47 8.80
CA ARG A 165 -6.77 -6.45 7.94
C ARG A 165 -5.82 -7.47 7.31
N ASP A 166 -6.37 -8.62 6.92
CA ASP A 166 -5.58 -9.63 6.21
C ASP A 166 -5.17 -9.22 4.80
N ASN A 167 -5.80 -8.20 4.23
CA ASN A 167 -5.40 -7.68 2.92
C ASN A 167 -4.84 -6.22 3.00
N THR A 168 -4.46 -5.76 4.18
CA THR A 168 -3.89 -4.42 4.32
C THR A 168 -2.63 -4.17 3.45
N GLU A 169 -1.84 -5.22 3.19
CA GLU A 169 -0.64 -5.11 2.37
C GLU A 169 -0.83 -5.60 0.93
N ASN A 170 0.17 -5.30 0.11
CA ASN A 170 0.34 -5.93 -1.18
C ASN A 170 1.71 -6.58 -1.24
N SER A 171 2.05 -7.18 -2.38
CA SER A 171 3.36 -7.86 -2.51
C SER A 171 4.55 -6.92 -2.27
N SER A 172 4.39 -5.64 -2.64
CA SER A 172 5.47 -4.68 -2.44
C SER A 172 5.65 -4.26 -0.98
N SER A 173 4.56 -3.86 -0.32
CA SER A 173 4.62 -3.43 1.09
C SER A 173 4.99 -4.58 2.05
N ALA A 174 4.50 -5.79 1.78
CA ALA A 174 4.81 -6.95 2.62
C ALA A 174 6.27 -7.35 2.59
N ALA A 175 6.92 -7.12 1.45
CA ALA A 175 8.34 -7.41 1.25
C ALA A 175 9.26 -6.60 2.17
N ILE A 176 8.75 -5.51 2.74
CA ILE A 176 9.50 -4.74 3.73
C ILE A 176 10.06 -5.59 4.87
N ARG A 177 9.41 -6.71 5.20
CA ARG A 177 9.93 -7.61 6.25
C ARG A 177 10.91 -8.68 5.78
N HIS A 178 11.14 -8.81 4.47
CA HIS A 178 12.03 -9.89 3.93
C HIS A 178 13.43 -9.74 4.50
N GLY A 179 13.99 -10.87 4.95
CA GLY A 179 15.29 -10.85 5.62
C GLY A 179 15.28 -10.19 6.99
N THR A 180 14.13 -10.20 7.65
CA THR A 180 13.99 -9.70 9.03
C THR A 180 13.24 -10.74 9.81
N PRO A 181 13.30 -10.68 11.15
CA PRO A 181 12.47 -11.54 11.95
C PRO A 181 11.15 -10.83 12.40
N ILE A 182 10.81 -9.70 11.79
CA ILE A 182 9.60 -8.94 12.20
C ILE A 182 8.35 -9.79 11.93
N LYS A 183 7.52 -9.97 12.95
CA LYS A 183 6.27 -10.71 12.83
C LYS A 183 5.17 -9.74 12.46
N LYS A 184 4.08 -10.26 11.93
CA LYS A 184 2.90 -9.47 11.59
C LYS A 184 1.65 -10.11 12.17
N TRP A 185 0.76 -9.26 12.67
CA TRP A 185 -0.57 -9.67 13.10
C TRP A 185 -1.57 -8.71 12.48
N PHE A 186 -2.76 -9.21 12.17
CA PHE A 186 -3.85 -8.35 11.67
C PHE A 186 -5.13 -8.55 12.51
N ARG A 187 -6.01 -7.56 12.49
CA ARG A 187 -7.25 -7.58 13.25
C ARG A 187 -8.40 -8.28 12.50
N THR A 188 -8.77 -7.78 11.31
CA THR A 188 -9.98 -8.23 10.60
C THR A 188 -9.73 -9.13 9.40
N PHE A 189 -10.74 -9.94 9.10
CA PHE A 189 -10.73 -10.81 7.91
C PHE A 189 -11.60 -10.18 6.83
N SER A 190 -11.08 -10.16 5.60
CA SER A 190 -11.78 -9.53 4.47
C SER A 190 -12.84 -10.44 3.81
N LYS A 191 -12.62 -11.76 3.87
CA LYS A 191 -13.43 -12.74 3.13
C LYS A 191 -14.16 -13.75 4.04
N LYS A 192 -14.14 -13.53 5.35
CA LYS A 192 -14.88 -14.38 6.30
C LYS A 192 -15.15 -13.51 7.51
N ARG A 193 -16.09 -13.94 8.36
N ARG A 193 -16.10 -13.89 8.35
CA ARG A 193 -16.49 -13.15 9.53
CA ARG A 193 -16.43 -13.08 9.54
C ARG A 193 -15.67 -13.56 10.77
C ARG A 193 -15.63 -13.53 10.73
N GLY A 194 -15.54 -12.64 11.72
CA GLY A 194 -14.83 -12.88 12.98
C GLY A 194 -13.70 -11.90 13.20
N ASP A 195 -12.86 -12.22 14.16
CA ASP A 195 -11.68 -11.41 14.46
C ASP A 195 -10.53 -12.32 14.80
N ASN A 196 -9.35 -11.72 14.77
CA ASN A 196 -8.12 -12.47 14.89
C ASN A 196 -7.41 -12.23 16.24
N TRP A 197 -8.14 -11.64 17.21
CA TRP A 197 -7.56 -11.19 18.48
C TRP A 197 -6.91 -12.27 19.31
N ASP A 198 -7.51 -13.47 19.34
CA ASP A 198 -6.89 -14.55 20.11
C ASP A 198 -5.63 -15.16 19.47
N LYS A 199 -5.28 -14.74 18.25
CA LYS A 199 -3.96 -15.04 17.68
C LYS A 199 -2.92 -13.96 17.91
N PHE A 200 -3.25 -12.91 18.67
CA PHE A 200 -2.26 -11.87 18.95
C PHE A 200 -1.06 -12.50 19.67
N PRO A 201 0.19 -12.22 19.26
CA PRO A 201 1.33 -12.87 19.92
C PRO A 201 1.45 -12.61 21.41
N SER A 202 1.91 -13.60 22.15
CA SER A 202 2.07 -13.54 23.61
C SER A 202 0.75 -13.77 24.33
N LEU A 203 0.86 -14.46 25.46
CA LEU A 203 -0.30 -14.91 26.22
C LEU A 203 -1.03 -13.71 26.84
N GLU A 204 -0.27 -12.76 27.39
CA GLU A 204 -0.87 -11.55 28.01
C GLU A 204 -1.58 -10.67 27.00
N GLY A 205 -1.05 -10.59 25.79
CA GLY A 205 -1.75 -9.97 24.67
C GLY A 205 -3.13 -10.57 24.48
N LYS A 206 -3.18 -11.89 24.32
CA LYS A 206 -4.41 -12.63 24.05
C LYS A 206 -5.48 -12.49 25.14
N GLU A 207 -5.01 -12.38 26.39
CA GLU A 207 -5.90 -12.36 27.55
C GLU A 207 -6.50 -10.98 27.85
N ASN A 208 -5.80 -9.91 27.46
CA ASN A 208 -6.23 -8.53 27.74
C ASN A 208 -6.77 -7.75 26.53
N LEU A 209 -6.54 -8.26 25.32
CA LEU A 209 -6.99 -7.63 24.08
C LEU A 209 -8.18 -8.39 23.58
N SER A 210 -9.12 -7.67 22.98
CA SER A 210 -10.27 -8.26 22.32
C SER A 210 -10.93 -7.25 21.37
N GLU A 211 -11.79 -7.74 20.49
CA GLU A 211 -12.57 -6.86 19.63
C GLU A 211 -13.47 -5.93 20.43
N LYS A 212 -14.10 -6.45 21.49
N LYS A 212 -14.09 -6.46 21.49
CA LYS A 212 -14.93 -5.62 22.37
CA LYS A 212 -14.92 -5.66 22.39
C LYS A 212 -14.12 -4.55 23.09
C LYS A 212 -14.12 -4.56 23.08
N GLY A 213 -12.93 -4.90 23.55
CA GLY A 213 -12.02 -3.94 24.17
C GLY A 213 -11.59 -2.83 23.22
N PHE A 214 -11.33 -3.21 21.96
CA PHE A 214 -11.01 -2.23 20.93
C PHE A 214 -12.20 -1.32 20.63
N LYS A 215 -13.38 -1.88 20.43
CA LYS A 215 -14.59 -1.05 20.20
C LYS A 215 -14.84 -0.04 21.32
N LEU A 216 -14.61 -0.44 22.57
CA LEU A 216 -14.73 0.44 23.73
C LEU A 216 -13.71 1.56 23.71
N TYR A 217 -12.47 1.22 23.34
CA TYR A 217 -11.44 2.22 23.14
C TYR A 217 -11.86 3.26 22.08
N VAL A 218 -12.43 2.79 20.97
CA VAL A 218 -12.89 3.65 19.87
C VAL A 218 -14.05 4.54 20.37
N GLU A 219 -14.99 3.96 21.12
CA GLU A 219 -16.13 4.73 21.68
C GLU A 219 -15.65 5.83 22.65
N LYS A 220 -14.68 5.51 23.49
CA LYS A 220 -14.05 6.45 24.40
C LYS A 220 -13.45 7.62 23.62
N TYR A 221 -12.75 7.31 22.53
CA TYR A 221 -12.20 8.35 21.65
C TYR A 221 -13.28 9.21 20.99
N LEU A 222 -14.30 8.58 20.44
CA LEU A 222 -15.41 9.31 19.83
C LEU A 222 -16.16 10.20 20.83
N SER A 223 -16.32 9.72 22.07
N SER A 223 -16.32 9.73 22.06
CA SER A 223 -16.91 10.54 23.14
CA SER A 223 -16.91 10.54 23.14
C SER A 223 -16.06 11.78 23.45
C SER A 223 -16.06 11.78 23.46
N ALA A 224 -14.74 11.62 23.45
CA ALA A 224 -13.83 12.75 23.70
C ALA A 224 -13.91 13.79 22.56
N LEU A 225 -13.97 13.34 21.31
N LEU A 225 -13.97 13.33 21.33
CA LEU A 225 -14.18 14.23 20.17
CA LEU A 225 -14.20 14.17 20.17
C LEU A 225 -15.53 14.97 20.23
C LEU A 225 -15.51 14.96 20.27
N ARG A 226 -16.59 14.27 20.66
CA ARG A 226 -17.89 14.91 20.88
C ARG A 226 -17.81 16.01 21.96
N ALA A 227 -17.05 15.74 23.03
CA ALA A 227 -16.78 16.75 24.06
C ALA A 227 -15.99 17.94 23.51
N ILE A 228 -14.93 17.66 22.74
CA ILE A 228 -14.13 18.73 22.12
C ILE A 228 -15.02 19.59 21.20
N LYS A 229 -15.83 18.93 20.37
CA LYS A 229 -16.79 19.62 19.48
C LYS A 229 -17.78 20.50 20.24
N ALA A 230 -18.31 19.98 21.36
CA ALA A 230 -19.27 20.73 22.19
C ALA A 230 -18.62 21.98 22.74
N LEU A 231 -17.40 21.85 23.28
CA LEU A 231 -16.68 22.99 23.86
C LEU A 231 -16.33 24.03 22.79
N GLU A 232 -15.79 23.57 21.66
CA GLU A 232 -15.48 24.45 20.53
C GLU A 232 -16.74 25.13 19.98
N HIS A 233 -17.82 24.36 19.82
CA HIS A 233 -19.09 24.92 19.40
C HIS A 233 -19.56 26.07 20.30
N HIS A 234 -19.42 25.89 21.62
CA HIS A 234 -19.87 26.91 22.56
C HIS A 234 -18.98 28.17 22.50
N HIS A 235 -17.67 28.00 22.34
CA HIS A 235 -16.75 29.15 22.21
C HIS A 235 -17.09 30.05 21.03
N HIS A 236 -17.49 29.43 19.91
CA HIS A 236 -17.84 30.17 18.68
C HIS A 236 -19.29 30.58 18.63
N HIS A 237 -20.12 30.05 19.54
CA HIS A 237 -21.57 30.26 19.54
C HIS A 237 -22.16 30.25 20.94
N HIS A 238 -22.13 31.41 21.59
CA HIS A 238 -22.65 31.59 22.95
C HIS A 238 -23.43 32.91 23.05
N LYS B 4 22.55 -16.43 -13.63
N LYS B 4 22.53 -16.36 -13.64
CA LYS B 4 21.26 -17.02 -13.12
CA LYS B 4 21.28 -16.99 -13.12
C LYS B 4 20.34 -17.50 -14.23
C LYS B 4 20.35 -17.48 -14.22
N PHE B 5 20.35 -16.82 -15.38
CA PHE B 5 19.64 -17.31 -16.58
C PHE B 5 20.55 -18.17 -17.45
N ILE B 6 19.99 -19.27 -17.94
CA ILE B 6 20.65 -20.14 -18.93
C ILE B 6 21.15 -19.36 -20.17
N GLN B 7 22.26 -19.82 -20.75
CA GLN B 7 22.88 -19.15 -21.93
C GLN B 7 21.92 -19.01 -23.12
N ASN B 8 21.16 -20.06 -23.39
CA ASN B 8 20.18 -20.09 -24.50
C ASN B 8 18.76 -19.59 -24.14
N ALA B 9 18.66 -18.67 -23.18
CA ALA B 9 17.39 -18.15 -22.67
C ALA B 9 16.47 -17.65 -23.77
N ALA B 10 17.04 -16.86 -24.68
CA ALA B 10 16.30 -16.19 -25.76
C ALA B 10 15.67 -17.15 -26.75
N GLU B 11 16.40 -18.22 -27.07
CA GLU B 11 15.92 -19.24 -27.98
C GLU B 11 14.76 -20.06 -27.36
N ILE B 12 14.90 -20.43 -26.09
CA ILE B 12 13.85 -21.14 -25.35
C ILE B 12 12.59 -20.26 -25.27
N ALA B 13 12.79 -18.98 -25.02
CA ALA B 13 11.69 -18.01 -24.93
C ALA B 13 10.90 -17.95 -26.21
N LYS B 14 11.60 -17.82 -27.33
CA LYS B 14 10.92 -17.74 -28.63
C LYS B 14 10.04 -18.96 -28.86
N LYS B 15 10.63 -20.15 -28.69
N LYS B 15 10.62 -20.15 -28.68
CA LYS B 15 9.91 -21.42 -28.85
CA LYS B 15 9.89 -21.41 -28.86
C LYS B 15 8.72 -21.57 -27.89
C LYS B 15 8.72 -21.57 -27.89
N ALA B 16 8.93 -21.21 -26.62
CA ALA B 16 7.86 -21.25 -25.62
C ALA B 16 6.67 -20.34 -25.99
N MET B 17 6.96 -19.10 -26.36
CA MET B 17 5.87 -18.17 -26.72
C MET B 17 5.25 -18.48 -28.08
N ASP B 18 6.01 -19.11 -28.97
CA ASP B 18 5.45 -19.63 -30.21
C ASP B 18 4.34 -20.66 -29.99
N SER B 19 4.40 -21.42 -28.88
N SER B 19 4.41 -21.43 -28.89
CA SER B 19 3.32 -22.33 -28.51
CA SER B 19 3.32 -22.35 -28.52
C SER B 19 2.13 -21.68 -27.80
C SER B 19 2.12 -21.67 -27.83
N VAL B 20 2.27 -20.40 -27.45
CA VAL B 20 1.24 -19.66 -26.71
C VAL B 20 0.61 -18.58 -27.60
N ASP B 21 1.43 -17.70 -28.16
CA ASP B 21 0.95 -16.65 -29.05
C ASP B 21 2.14 -16.09 -29.84
N PRO B 22 2.30 -16.55 -31.10
CA PRO B 22 3.42 -16.08 -31.90
C PRO B 22 3.51 -14.58 -32.07
N SER B 23 2.37 -13.87 -31.94
CA SER B 23 2.39 -12.43 -32.06
C SER B 23 3.11 -11.72 -30.88
N LEU B 24 3.25 -12.41 -29.74
CA LEU B 24 4.00 -11.86 -28.60
C LEU B 24 5.45 -12.37 -28.47
N SER B 25 5.89 -13.24 -29.39
CA SER B 25 7.22 -13.87 -29.23
C SER B 25 8.39 -12.89 -29.22
N GLU B 26 8.35 -11.87 -30.08
CA GLU B 26 9.42 -10.85 -30.09
C GLU B 26 9.53 -10.11 -28.75
N LYS B 27 8.40 -9.63 -28.26
CA LYS B 27 8.31 -8.91 -26.99
C LYS B 27 8.71 -9.76 -25.79
N PHE B 28 8.14 -10.96 -25.70
CA PHE B 28 8.51 -11.92 -24.67
C PHE B 28 10.01 -12.21 -24.67
N THR B 29 10.58 -12.41 -25.86
CA THR B 29 12.00 -12.70 -25.99
C THR B 29 12.85 -11.53 -25.47
N ILE B 30 12.41 -10.30 -25.73
CA ILE B 30 13.09 -9.10 -25.24
C ILE B 30 13.07 -9.02 -23.71
N VAL B 31 11.97 -9.45 -23.08
CA VAL B 31 11.86 -9.45 -21.62
C VAL B 31 12.81 -10.50 -21.03
N ILE B 32 12.87 -11.67 -21.64
CA ILE B 32 13.80 -12.70 -21.21
C ILE B 32 15.26 -12.25 -21.39
N ARG B 33 15.55 -11.49 -22.45
N ARG B 33 15.55 -11.49 -22.45
CA ARG B 33 16.87 -10.86 -22.61
CA ARG B 33 16.87 -10.85 -22.60
C ARG B 33 17.15 -9.84 -21.49
C ARG B 33 17.14 -9.85 -21.47
N PHE B 34 16.16 -9.01 -21.17
CA PHE B 34 16.28 -8.06 -20.05
C PHE B 34 16.58 -8.77 -18.72
N LEU B 35 15.87 -9.86 -18.45
CA LEU B 35 16.09 -10.63 -17.22
C LEU B 35 17.39 -11.43 -17.25
N THR B 36 17.89 -11.75 -18.44
CA THR B 36 19.22 -12.34 -18.60
C THR B 36 20.32 -11.35 -18.18
N ASP B 37 20.16 -10.07 -18.49
CA ASP B 37 21.10 -9.03 -18.03
C ASP B 37 20.84 -8.56 -16.61
N ASN B 38 19.60 -8.69 -16.12
CA ASN B 38 19.20 -8.23 -14.78
C ASN B 38 18.46 -9.37 -14.06
N PRO B 39 19.15 -10.48 -13.81
CA PRO B 39 18.48 -11.68 -13.30
C PRO B 39 17.86 -11.56 -11.92
N ASP B 40 18.36 -10.66 -11.08
CA ASP B 40 17.71 -10.40 -9.78
C ASP B 40 16.38 -9.67 -9.91
N ALA B 41 16.12 -9.05 -11.06
CA ALA B 41 14.83 -8.39 -11.34
C ALA B 41 13.70 -9.39 -11.58
N ALA B 42 14.03 -10.64 -11.88
CA ALA B 42 13.02 -11.67 -12.10
C ALA B 42 12.23 -12.00 -10.83
N SER B 43 10.90 -12.02 -10.94
CA SER B 43 10.02 -12.50 -9.87
C SER B 43 10.10 -14.02 -9.80
N ALA B 44 10.03 -14.57 -8.59
CA ALA B 44 9.93 -16.02 -8.41
C ALA B 44 8.53 -16.51 -8.85
N LEU B 45 8.47 -17.73 -9.41
CA LEU B 45 7.21 -18.35 -9.81
C LEU B 45 6.42 -18.84 -8.60
N LYS B 46 5.10 -18.94 -8.77
CA LYS B 46 4.20 -19.21 -7.65
C LYS B 46 4.31 -20.64 -7.10
N GLY B 47 4.22 -21.64 -7.96
CA GLY B 47 4.29 -23.04 -7.55
C GLY B 47 5.65 -23.54 -7.04
N LYS B 48 6.72 -22.87 -7.48
CA LYS B 48 8.07 -23.39 -7.39
C LYS B 48 9.00 -22.57 -6.48
N GLU B 49 10.20 -23.12 -6.28
CA GLU B 49 11.24 -22.52 -5.42
C GLU B 49 11.93 -21.36 -6.15
N ARG B 50 12.70 -20.55 -5.42
CA ARG B 50 13.47 -19.43 -5.97
C ARG B 50 14.55 -19.85 -6.98
N SER B 51 15.20 -20.99 -6.72
CA SER B 51 16.29 -21.47 -7.58
C SER B 51 15.86 -21.98 -8.97
N ILE B 52 14.55 -22.11 -9.19
CA ILE B 52 14.02 -22.37 -10.53
C ILE B 52 14.18 -21.18 -11.49
N VAL B 53 14.30 -19.96 -10.94
CA VAL B 53 14.35 -18.75 -11.77
C VAL B 53 15.53 -18.82 -12.75
N GLY B 54 15.24 -18.63 -14.03
CA GLY B 54 16.23 -18.61 -15.10
C GLY B 54 16.41 -19.90 -15.86
N THR B 55 15.62 -20.92 -15.50
CA THR B 55 15.65 -22.23 -16.14
C THR B 55 14.64 -22.33 -17.29
N GLU B 56 14.82 -23.37 -18.11
CA GLU B 56 13.92 -23.65 -19.22
C GLU B 56 12.44 -23.78 -18.81
N GLU B 57 12.19 -24.51 -17.71
N GLU B 57 12.21 -24.51 -17.71
CA GLU B 57 10.83 -24.67 -17.18
CA GLU B 57 10.88 -24.69 -17.13
C GLU B 57 10.22 -23.35 -16.72
C GLU B 57 10.24 -23.36 -16.72
N TYR B 58 11.05 -22.49 -16.14
CA TYR B 58 10.64 -21.13 -15.77
C TYR B 58 10.27 -20.27 -16.99
N ILE B 59 11.03 -20.40 -18.07
CA ILE B 59 10.79 -19.60 -19.27
C ILE B 59 9.49 -20.04 -19.93
N ILE B 60 9.32 -21.35 -20.08
CA ILE B 60 8.09 -21.93 -20.62
C ILE B 60 6.84 -21.49 -19.83
N ALA B 61 6.89 -21.60 -18.50
CA ALA B 61 5.77 -21.21 -17.63
C ALA B 61 5.50 -19.72 -17.72
N SER B 62 6.57 -18.93 -17.78
CA SER B 62 6.46 -17.47 -17.93
C SER B 62 5.80 -17.02 -19.24
N ALA B 63 5.93 -17.81 -20.32
CA ALA B 63 5.24 -17.54 -21.59
C ALA B 63 3.72 -17.51 -21.42
N THR B 64 3.18 -18.51 -20.72
CA THR B 64 1.74 -18.56 -20.47
C THR B 64 1.32 -17.41 -19.56
N ASN B 65 2.10 -17.16 -18.52
CA ASN B 65 1.84 -16.06 -17.59
C ASN B 65 1.86 -14.70 -18.27
N PHE B 66 2.84 -14.51 -19.16
CA PHE B 66 2.96 -13.29 -19.91
C PHE B 66 1.71 -13.01 -20.75
N LYS B 67 1.23 -14.02 -21.46
N LYS B 67 1.24 -14.03 -21.45
CA LYS B 67 -0.01 -13.89 -22.23
CA LYS B 67 0.00 -13.92 -22.23
C LYS B 67 -1.23 -13.68 -21.35
C LYS B 67 -1.22 -13.69 -21.35
N LYS B 68 -1.32 -14.46 -20.28
CA LYS B 68 -2.47 -14.41 -19.35
C LYS B 68 -2.66 -13.03 -18.72
N GLY B 69 -1.54 -12.41 -18.35
CA GLY B 69 -1.52 -11.01 -17.89
C GLY B 69 -2.19 -9.98 -18.81
N ARG B 70 -2.28 -10.28 -20.09
CA ARG B 70 -2.94 -9.39 -21.04
C ARG B 70 -4.41 -9.71 -21.26
N ASP B 71 -4.94 -10.78 -20.65
CA ASP B 71 -6.36 -11.14 -20.81
C ASP B 71 -7.25 -10.04 -20.26
N PRO B 72 -8.35 -9.70 -20.94
CA PRO B 72 -9.28 -8.76 -20.32
C PRO B 72 -9.84 -9.28 -18.99
N ARG B 73 -9.88 -8.40 -17.98
N ARG B 73 -9.88 -8.41 -17.99
N ARG B 73 -9.91 -8.41 -17.99
CA ARG B 73 -10.48 -8.69 -16.68
CA ARG B 73 -10.47 -8.71 -16.68
CA ARG B 73 -10.50 -8.77 -16.70
C ARG B 73 -11.91 -8.17 -16.69
C ARG B 73 -11.89 -8.16 -16.65
C ARG B 73 -11.86 -8.13 -16.57
N THR B 74 -12.81 -8.91 -16.05
CA THR B 74 -14.19 -8.46 -15.84
C THR B 74 -14.53 -8.88 -14.42
N PRO B 75 -13.97 -8.17 -13.42
CA PRO B 75 -14.24 -8.53 -12.02
C PRO B 75 -15.69 -8.28 -11.59
N LEU B 76 -16.19 -9.13 -10.72
CA LEU B 76 -17.49 -8.91 -10.11
C LEU B 76 -17.37 -7.78 -9.09
N PRO B 77 -18.50 -7.22 -8.63
CA PRO B 77 -18.42 -6.31 -7.49
C PRO B 77 -17.80 -7.01 -6.28
N PRO B 78 -17.01 -6.27 -5.45
CA PRO B 78 -16.43 -6.94 -4.29
C PRO B 78 -17.50 -7.51 -3.35
N SER B 79 -17.20 -8.66 -2.74
CA SER B 79 -18.10 -9.34 -1.83
C SER B 79 -17.42 -9.55 -0.47
N THR B 80 -16.51 -8.64 -0.14
CA THR B 80 -15.78 -8.67 1.11
C THR B 80 -16.70 -8.38 2.30
N ILE B 81 -16.29 -8.84 3.47
CA ILE B 81 -17.06 -8.62 4.70
C ILE B 81 -16.63 -7.27 5.29
N PRO B 82 -17.60 -6.33 5.46
N PRO B 82 -17.60 -6.33 5.45
CA PRO B 82 -17.23 -5.00 5.93
CA PRO B 82 -17.22 -5.00 5.93
C PRO B 82 -16.78 -4.94 7.39
C PRO B 82 -16.77 -4.96 7.39
N ASP B 83 -15.88 -4.01 7.67
CA ASP B 83 -15.38 -3.75 9.01
C ASP B 83 -16.40 -2.79 9.59
N GLU B 84 -17.18 -3.24 10.58
CA GLU B 84 -18.19 -2.39 11.21
C GLU B 84 -17.64 -1.15 11.90
N MET B 85 -16.40 -1.22 12.37
CA MET B 85 -15.78 -0.04 12.99
C MET B 85 -15.74 1.18 12.05
N VAL B 86 -15.59 0.95 10.74
CA VAL B 86 -15.65 2.01 9.74
C VAL B 86 -17.00 2.77 9.78
N SER B 87 -18.11 2.03 9.83
N SER B 87 -18.10 2.02 9.83
CA SER B 87 -19.44 2.63 9.92
CA SER B 87 -19.43 2.62 9.90
C SER B 87 -19.66 3.37 11.25
C SER B 87 -19.68 3.34 11.24
N VAL B 88 -19.10 2.84 12.34
CA VAL B 88 -19.16 3.52 13.65
C VAL B 88 -18.47 4.89 13.57
N ILE B 89 -17.23 4.90 13.09
CA ILE B 89 -16.50 6.16 12.85
C ILE B 89 -17.26 7.07 11.88
N LEU B 90 -17.72 6.52 10.74
CA LEU B 90 -18.46 7.31 9.74
C LEU B 90 -19.67 8.06 10.37
N ASN B 91 -20.41 7.35 11.21
CA ASN B 91 -21.61 7.88 11.86
C ASN B 91 -21.27 8.88 12.97
N LYS B 92 -20.40 8.44 13.87
CA LYS B 92 -20.09 9.17 15.10
C LYS B 92 -19.01 10.26 14.94
N TYR B 93 -18.03 10.04 14.07
CA TYR B 93 -16.96 11.01 13.81
C TYR B 93 -17.37 11.94 12.65
N PHE B 94 -17.68 11.36 11.49
CA PHE B 94 -17.92 12.13 10.26
C PHE B 94 -19.40 12.49 10.03
N GLU B 95 -20.28 12.12 10.97
CA GLU B 95 -21.70 12.57 10.99
C GLU B 95 -22.57 12.05 9.84
N VAL B 96 -22.19 10.92 9.25
CA VAL B 96 -23.02 10.28 8.23
C VAL B 96 -24.24 9.74 8.99
N PRO B 97 -25.47 10.13 8.57
CA PRO B 97 -26.63 9.65 9.35
C PRO B 97 -26.75 8.12 9.31
N SER B 98 -27.26 7.55 10.40
CA SER B 98 -27.41 6.08 10.53
C SER B 98 -28.06 5.37 9.35
N GLU B 99 -29.08 6.00 8.77
N GLU B 99 -29.09 5.99 8.77
CA GLU B 99 -29.85 5.40 7.68
CA GLU B 99 -29.82 5.36 7.67
C GLU B 99 -29.12 5.45 6.33
C GLU B 99 -29.13 5.46 6.32
N GLU B 100 -27.98 6.13 6.26
CA GLU B 100 -27.19 6.23 5.04
C GLU B 100 -25.97 5.31 5.07
N LEU B 101 -25.77 4.60 6.19
CA LEU B 101 -24.58 3.78 6.40
C LEU B 101 -24.51 2.57 5.45
N GLU B 102 -25.65 1.91 5.22
CA GLU B 102 -25.68 0.74 4.29
C GLU B 102 -25.31 1.14 2.84
N LYS B 103 -25.86 2.27 2.36
CA LYS B 103 -25.48 2.79 1.04
C LYS B 103 -24.02 3.25 1.01
N ALA B 104 -23.59 3.89 2.09
CA ALA B 104 -22.19 4.29 2.20
C ALA B 104 -21.26 3.07 2.05
N GLU B 105 -21.60 1.97 2.72
N GLU B 105 -21.61 1.96 2.70
CA GLU B 105 -20.81 0.75 2.70
CA GLU B 105 -20.77 0.77 2.64
C GLU B 105 -20.74 0.13 1.30
C GLU B 105 -20.72 0.16 1.23
N GLU B 106 -21.86 0.17 0.58
N GLU B 106 -21.87 0.14 0.54
CA GLU B 106 -21.97 -0.39 -0.78
CA GLU B 106 -21.94 -0.42 -0.80
C GLU B 106 -21.19 0.46 -1.78
C GLU B 106 -21.18 0.45 -1.79
N TRP B 107 -21.45 1.75 -1.77
CA TRP B 107 -20.74 2.69 -2.64
C TRP B 107 -19.24 2.78 -2.35
N HIS B 108 -18.84 2.60 -1.10
CA HIS B 108 -17.41 2.52 -0.75
C HIS B 108 -16.79 1.29 -1.39
N ARG B 109 -17.50 0.16 -1.27
CA ARG B 109 -17.03 -1.11 -1.81
C ARG B 109 -16.91 -1.03 -3.33
N LEU B 110 -17.96 -0.55 -3.99
CA LEU B 110 -17.94 -0.39 -5.44
C LEU B 110 -16.86 0.61 -5.91
N SER B 111 -16.67 1.71 -5.16
CA SER B 111 -15.58 2.63 -5.49
C SER B 111 -14.19 2.00 -5.38
N MET B 112 -13.95 1.18 -4.36
CA MET B 112 -12.65 0.49 -4.26
C MET B 112 -12.45 -0.43 -5.46
N GLY B 113 -13.50 -1.17 -5.83
CA GLY B 113 -13.48 -2.00 -7.05
C GLY B 113 -13.18 -1.21 -8.31
N ALA B 114 -13.82 -0.05 -8.42
CA ALA B 114 -13.62 0.85 -9.54
C ALA B 114 -12.19 1.38 -9.64
N GLU B 115 -11.61 1.73 -8.50
CA GLU B 115 -10.23 2.19 -8.45
C GLU B 115 -9.26 1.09 -8.98
N ASN B 116 -9.49 -0.16 -8.56
CA ASN B 116 -8.68 -1.28 -9.05
C ASN B 116 -8.72 -1.38 -10.57
N ILE B 117 -9.92 -1.18 -11.13
CA ILE B 117 -10.17 -1.27 -12.57
C ILE B 117 -9.43 -0.14 -13.29
N VAL B 118 -9.46 1.05 -12.72
CA VAL B 118 -8.77 2.22 -13.30
C VAL B 118 -7.27 1.97 -13.44
N GLY B 119 -6.65 1.43 -12.41
CA GLY B 119 -5.24 1.05 -12.46
C GLY B 119 -4.91 0.00 -13.50
N ASP B 120 -5.83 -0.93 -13.68
CA ASP B 120 -5.70 -1.98 -14.70
C ASP B 120 -5.76 -1.39 -16.10
N LEU B 121 -6.78 -0.57 -16.35
CA LEU B 121 -6.98 0.08 -17.64
C LEU B 121 -5.89 1.09 -17.96
N LEU B 122 -5.40 1.78 -16.94
CA LEU B 122 -4.28 2.71 -17.08
C LEU B 122 -3.06 1.99 -17.70
N GLU B 123 -2.77 0.81 -17.21
CA GLU B 123 -1.64 0.02 -17.66
C GLU B 123 -1.84 -0.42 -19.13
N ARG B 124 -3.04 -0.91 -19.40
CA ARG B 124 -3.40 -1.40 -20.73
C ARG B 124 -3.39 -0.29 -21.78
N TYR B 125 -3.90 0.89 -21.43
CA TYR B 125 -3.87 2.06 -22.29
C TYR B 125 -2.42 2.44 -22.61
N ILE B 126 -1.58 2.50 -21.59
CA ILE B 126 -0.17 2.85 -21.84
C ILE B 126 0.47 1.82 -22.76
N ALA B 127 0.19 0.54 -22.49
CA ALA B 127 0.73 -0.56 -23.28
C ALA B 127 0.31 -0.47 -24.73
N GLU B 128 -0.96 -0.15 -24.98
CA GLU B 128 -1.43 -0.03 -26.34
C GLU B 128 -0.65 1.05 -27.09
N VAL B 129 -0.45 2.19 -26.43
CA VAL B 129 0.15 3.34 -27.07
C VAL B 129 1.65 3.18 -27.26
N ILE B 130 2.34 2.51 -26.33
CA ILE B 130 3.78 2.62 -26.25
C ILE B 130 4.57 1.39 -26.72
N GLU B 131 3.92 0.23 -26.80
CA GLU B 131 4.59 -0.93 -27.38
C GLU B 131 4.98 -0.73 -28.85
N PRO B 132 4.15 0.00 -29.64
CA PRO B 132 4.61 0.33 -30.99
C PRO B 132 5.81 1.28 -31.06
N HIS B 133 6.28 1.80 -29.92
CA HIS B 133 7.46 2.64 -29.86
C HIS B 133 8.63 1.96 -29.15
N GLY B 134 8.61 0.63 -29.15
CA GLY B 134 9.72 -0.18 -28.69
C GLY B 134 9.70 -0.58 -27.23
N TRP B 135 8.74 -0.05 -26.46
CA TRP B 135 8.56 -0.43 -25.07
C TRP B 135 7.90 -1.80 -24.97
N ILE B 136 8.18 -2.51 -23.89
CA ILE B 136 7.55 -3.78 -23.61
C ILE B 136 6.73 -3.71 -22.31
N TRP B 137 5.45 -4.02 -22.43
CA TRP B 137 4.55 -4.20 -21.30
C TRP B 137 4.90 -5.54 -20.69
N CYS B 138 5.46 -5.52 -19.49
CA CYS B 138 5.86 -6.73 -18.79
C CYS B 138 4.64 -7.35 -18.10
N SER B 139 3.72 -7.86 -18.91
CA SER B 139 2.49 -8.47 -18.45
C SER B 139 2.78 -9.77 -17.73
N GLY B 140 1.90 -10.14 -16.80
CA GLY B 140 2.08 -11.38 -16.01
C GLY B 140 3.16 -11.33 -14.93
N SER B 141 3.66 -10.12 -14.64
CA SER B 141 4.47 -9.82 -13.49
C SER B 141 5.78 -10.59 -13.44
N MET B 142 6.43 -10.76 -14.59
CA MET B 142 7.71 -11.49 -14.60
C MET B 142 8.85 -10.68 -14.01
N VAL B 143 8.76 -9.36 -14.11
CA VAL B 143 9.80 -8.45 -13.65
C VAL B 143 9.29 -7.78 -12.37
N ARG B 144 9.95 -8.09 -11.25
N ARG B 144 9.94 -8.09 -11.24
CA ARG B 144 9.53 -7.61 -9.93
CA ARG B 144 9.48 -7.62 -9.93
C ARG B 144 9.41 -6.10 -9.86
C ARG B 144 9.41 -6.11 -9.86
N ALA B 145 8.26 -5.61 -9.38
CA ALA B 145 8.05 -4.17 -9.19
C ALA B 145 8.12 -3.30 -10.47
N VAL B 146 7.99 -3.92 -11.65
CA VAL B 146 8.15 -3.23 -12.93
C VAL B 146 6.96 -3.56 -13.80
N ASP B 147 6.41 -2.54 -14.47
CA ASP B 147 5.36 -2.69 -15.47
C ASP B 147 5.89 -2.66 -16.91
N PHE B 148 6.85 -1.79 -17.19
CA PHE B 148 7.39 -1.61 -18.52
C PHE B 148 8.91 -1.60 -18.54
N ILE B 149 9.47 -2.07 -19.63
CA ILE B 149 10.89 -1.87 -19.89
C ILE B 149 11.05 -1.25 -21.26
N TYR B 150 12.19 -0.59 -21.46
N TYR B 150 12.21 -0.64 -21.48
CA TYR B 150 12.52 -0.01 -22.75
CA TYR B 150 12.53 -0.02 -22.74
C TYR B 150 14.02 0.22 -22.87
C TYR B 150 14.04 0.13 -22.86
N CYS B 151 14.54 0.04 -24.08
CA CYS B 151 15.95 0.24 -24.38
C CYS B 151 16.04 1.68 -24.86
N ASP B 152 16.63 2.56 -24.05
CA ASP B 152 16.67 4.01 -24.36
C ASP B 152 17.60 4.33 -25.53
N SER B 153 17.61 5.60 -25.95
CA SER B 153 18.45 6.07 -27.06
C SER B 153 19.95 5.82 -26.85
N GLU B 154 20.36 5.83 -25.59
CA GLU B 154 21.74 5.54 -25.17
C GLU B 154 21.98 4.03 -24.98
N ASN B 155 21.12 3.17 -25.53
CA ASN B 155 21.31 1.71 -25.49
C ASN B 155 21.42 1.15 -24.05
N VAL B 156 20.67 1.76 -23.13
CA VAL B 156 20.60 1.32 -21.74
C VAL B 156 19.15 0.85 -21.44
N TRP B 157 19.05 -0.35 -20.86
CA TRP B 157 17.78 -0.88 -20.35
C TRP B 157 17.24 0.06 -19.29
N GLN B 158 15.98 0.48 -19.42
CA GLN B 158 15.27 1.25 -18.40
C GLN B 158 14.04 0.47 -17.97
N SER B 159 13.67 0.54 -16.68
CA SER B 159 12.44 -0.09 -16.19
C SER B 159 11.54 0.94 -15.50
N LEU B 160 10.23 0.75 -15.62
CA LEU B 160 9.26 1.72 -15.12
C LEU B 160 8.10 1.03 -14.40
N GLN B 161 7.76 1.58 -13.24
CA GLN B 161 6.52 1.26 -12.52
C GLN B 161 5.52 2.39 -12.78
N VAL B 162 4.28 2.04 -13.13
CA VAL B 162 3.21 3.04 -13.29
C VAL B 162 2.17 2.92 -12.16
N LYS B 163 1.74 4.06 -11.60
CA LYS B 163 0.71 4.08 -10.54
C LYS B 163 -0.37 5.08 -10.92
N ASN B 164 -1.59 4.90 -10.45
CA ASN B 164 -2.66 5.85 -10.79
C ASN B 164 -2.52 7.21 -10.12
N ARG B 165 -1.73 7.32 -9.03
CA ARG B 165 -1.83 8.50 -8.16
C ARG B 165 -0.53 8.81 -7.43
N ASP B 166 -0.36 10.08 -7.10
CA ASP B 166 0.83 10.47 -6.33
C ASP B 166 0.87 9.86 -4.90
N ASN B 167 -0.27 9.40 -4.39
CA ASN B 167 -0.28 8.75 -3.06
C ASN B 167 -0.61 7.25 -3.13
N THR B 168 -0.42 6.62 -4.29
CA THR B 168 -0.73 5.19 -4.46
C THR B 168 0.15 4.29 -3.53
N GLU B 169 1.35 4.76 -3.22
CA GLU B 169 2.26 4.01 -2.38
C GLU B 169 2.30 4.57 -0.97
N ASN B 170 2.94 3.80 -0.10
CA ASN B 170 3.35 4.23 1.23
C ASN B 170 4.83 3.94 1.36
N SER B 171 5.42 4.29 2.50
CA SER B 171 6.88 4.13 2.69
C SER B 171 7.34 2.69 2.48
N SER B 172 6.53 1.73 2.87
CA SER B 172 6.87 0.33 2.73
C SER B 172 6.78 -0.17 1.27
N SER B 173 5.72 0.19 0.55
CA SER B 173 5.57 -0.28 -0.83
C SER B 173 6.56 0.42 -1.77
N ALA B 174 6.81 1.72 -1.54
CA ALA B 174 7.80 2.49 -2.28
C ALA B 174 9.23 1.94 -2.16
N ALA B 175 9.54 1.30 -1.04
CA ALA B 175 10.89 0.83 -0.74
C ALA B 175 11.33 -0.35 -1.58
N ILE B 176 10.37 -1.01 -2.25
CA ILE B 176 10.66 -2.11 -3.17
C ILE B 176 11.66 -1.71 -4.26
N ARG B 177 11.69 -0.42 -4.63
CA ARG B 177 12.65 0.07 -5.62
C ARG B 177 14.00 0.52 -5.07
N HIS B 178 14.16 0.59 -3.74
N HIS B 178 14.17 0.55 -3.75
CA HIS B 178 15.41 1.05 -3.14
CA HIS B 178 15.42 1.00 -3.13
C HIS B 178 16.54 0.10 -3.59
C HIS B 178 16.56 0.09 -3.58
N GLY B 179 17.68 0.70 -3.97
CA GLY B 179 18.82 -0.06 -4.53
C GLY B 179 18.56 -0.57 -5.93
N THR B 180 17.61 0.04 -6.66
CA THR B 180 17.34 -0.33 -8.04
C THR B 180 17.26 0.91 -8.88
N PRO B 181 17.50 0.78 -10.19
CA PRO B 181 17.28 1.91 -11.07
C PRO B 181 15.82 2.05 -11.56
N ILE B 182 14.88 1.32 -10.96
CA ILE B 182 13.49 1.32 -11.46
C ILE B 182 12.91 2.69 -11.21
N LYS B 183 12.32 3.28 -12.24
N LYS B 183 12.31 3.29 -12.25
CA LYS B 183 11.66 4.59 -12.15
CA LYS B 183 11.64 4.59 -12.15
C LYS B 183 10.18 4.42 -11.82
C LYS B 183 10.17 4.41 -11.80
N LYS B 184 9.53 5.49 -11.38
CA LYS B 184 8.08 5.46 -11.13
C LYS B 184 7.44 6.68 -11.73
N TRP B 185 6.26 6.49 -12.30
CA TRP B 185 5.43 7.60 -12.80
C TRP B 185 4.02 7.41 -12.25
N PHE B 186 3.33 8.51 -11.97
CA PHE B 186 1.93 8.48 -11.58
C PHE B 186 1.04 9.37 -12.46
N ARG B 187 -0.23 9.03 -12.54
CA ARG B 187 -1.20 9.75 -13.35
C ARG B 187 -1.81 10.98 -12.69
N THR B 188 -2.43 10.79 -11.53
CA THR B 188 -3.27 11.83 -10.92
C THR B 188 -2.64 12.41 -9.65
N PHE B 189 -3.00 13.66 -9.38
CA PHE B 189 -2.58 14.38 -8.19
C PHE B 189 -3.69 14.31 -7.16
N SER B 190 -3.33 14.02 -5.91
CA SER B 190 -4.33 13.91 -4.83
C SER B 190 -4.76 15.26 -4.29
N LYS B 191 -3.83 16.22 -4.24
CA LYS B 191 -4.05 17.51 -3.60
C LYS B 191 -4.01 18.72 -4.53
N LYS B 192 -3.85 18.54 -5.83
CA LYS B 192 -3.90 19.66 -6.77
C LYS B 192 -4.64 19.22 -8.04
N ARG B 193 -5.07 20.20 -8.84
CA ARG B 193 -5.82 19.91 -10.07
C ARG B 193 -4.88 19.58 -11.23
N GLY B 194 -5.40 18.82 -12.19
CA GLY B 194 -4.70 18.51 -13.45
C GLY B 194 -4.19 17.08 -13.55
N ASP B 195 -3.13 16.88 -14.33
CA ASP B 195 -2.54 15.55 -14.52
C ASP B 195 -1.03 15.64 -14.75
N ASN B 196 -0.38 14.50 -14.59
CA ASN B 196 1.05 14.35 -14.66
C ASN B 196 1.52 13.69 -15.99
N TRP B 197 0.65 13.65 -17.00
CA TRP B 197 0.95 12.88 -18.22
C TRP B 197 2.21 13.33 -18.97
N ASP B 198 2.45 14.63 -19.06
CA ASP B 198 3.62 15.10 -19.79
C ASP B 198 4.94 14.92 -19.03
N LYS B 199 4.90 14.33 -17.82
CA LYS B 199 6.11 13.83 -17.14
C LYS B 199 6.42 12.37 -17.40
N PHE B 200 5.57 11.69 -18.17
CA PHE B 200 5.83 10.30 -18.50
C PHE B 200 7.21 10.17 -19.13
N PRO B 201 8.04 9.23 -18.66
CA PRO B 201 9.41 9.11 -19.17
C PRO B 201 9.50 8.87 -20.67
N SER B 202 10.50 9.48 -21.29
CA SER B 202 10.78 9.41 -22.73
C SER B 202 9.86 10.30 -23.54
N LEU B 203 10.40 10.77 -24.64
CA LEU B 203 9.68 11.69 -25.49
C LEU B 203 8.47 11.02 -26.12
N GLU B 204 8.62 9.77 -26.54
CA GLU B 204 7.51 9.00 -27.14
C GLU B 204 6.31 8.85 -26.18
N GLY B 205 6.58 8.68 -24.89
CA GLY B 205 5.49 8.66 -23.89
C GLY B 205 4.74 9.97 -23.79
N LYS B 206 5.47 11.06 -23.58
CA LYS B 206 4.92 12.41 -23.38
C LYS B 206 4.13 12.92 -24.55
N GLU B 207 4.65 12.63 -25.75
CA GLU B 207 4.00 13.04 -26.99
C GLU B 207 2.71 12.30 -27.29
N ASN B 208 2.63 11.04 -26.86
CA ASN B 208 1.57 10.11 -27.26
C ASN B 208 0.54 9.76 -26.16
N LEU B 209 0.86 10.05 -24.89
CA LEU B 209 -0.05 9.75 -23.79
C LEU B 209 -0.70 11.03 -23.25
N SER B 210 -2.00 10.97 -22.96
CA SER B 210 -2.69 12.09 -22.35
C SER B 210 -3.94 11.64 -21.62
N GLU B 211 -4.47 12.54 -20.78
CA GLU B 211 -5.71 12.28 -20.07
C GLU B 211 -6.90 12.11 -21.02
N LYS B 212 -6.97 12.93 -22.07
CA LYS B 212 -8.00 12.78 -23.12
C LYS B 212 -7.90 11.43 -23.81
N GLY B 213 -6.67 11.07 -24.18
CA GLY B 213 -6.39 9.76 -24.77
C GLY B 213 -6.86 8.62 -23.89
N PHE B 214 -6.55 8.71 -22.59
CA PHE B 214 -6.94 7.70 -21.62
C PHE B 214 -8.46 7.62 -21.47
N LYS B 215 -9.11 8.78 -21.40
CA LYS B 215 -10.57 8.82 -21.34
C LYS B 215 -11.20 8.18 -22.59
N LEU B 216 -10.73 8.52 -23.78
CA LEU B 216 -11.21 7.86 -25.00
C LEU B 216 -11.02 6.34 -24.91
N TYR B 217 -9.84 5.90 -24.48
CA TYR B 217 -9.56 4.48 -24.31
C TYR B 217 -10.55 3.80 -23.34
N VAL B 218 -10.79 4.43 -22.19
CA VAL B 218 -11.70 3.84 -21.18
C VAL B 218 -13.13 3.78 -21.75
N GLU B 219 -13.60 4.86 -22.35
CA GLU B 219 -14.98 4.91 -22.90
C GLU B 219 -15.22 3.79 -23.90
N LYS B 220 -14.24 3.61 -24.78
CA LYS B 220 -14.26 2.57 -25.81
C LYS B 220 -14.30 1.17 -25.19
N TYR B 221 -13.42 0.93 -24.21
N TYR B 221 -13.43 0.92 -24.21
CA TYR B 221 -13.35 -0.34 -23.47
CA TYR B 221 -13.39 -0.36 -23.50
C TYR B 221 -14.70 -0.71 -22.84
C TYR B 221 -14.73 -0.72 -22.85
N LEU B 222 -15.35 0.27 -22.20
CA LEU B 222 -16.63 0.07 -21.53
C LEU B 222 -17.82 -0.08 -22.48
N SER B 223 -17.83 0.66 -23.58
CA SER B 223 -18.83 0.49 -24.64
C SER B 223 -18.74 -0.89 -25.30
N ALA B 224 -17.52 -1.42 -25.40
CA ALA B 224 -17.31 -2.76 -25.92
C ALA B 224 -17.95 -3.83 -25.02
N LEU B 225 -17.72 -3.77 -23.71
N LEU B 225 -17.69 -3.75 -23.72
CA LEU B 225 -18.30 -4.79 -22.83
CA LEU B 225 -18.26 -4.70 -22.76
C LEU B 225 -19.79 -4.57 -22.53
C LEU B 225 -19.77 -4.57 -22.60
N ARG B 226 -20.30 -3.36 -22.75
CA ARG B 226 -21.75 -3.13 -22.83
C ARG B 226 -22.34 -3.83 -24.07
N ALA B 227 -21.64 -3.75 -25.20
CA ALA B 227 -22.07 -4.39 -26.45
C ALA B 227 -22.02 -5.92 -26.35
N ILE B 228 -21.04 -6.44 -25.61
CA ILE B 228 -20.95 -7.87 -25.32
C ILE B 228 -22.13 -8.30 -24.44
N LYS B 229 -22.43 -7.53 -23.39
CA LYS B 229 -23.62 -7.77 -22.55
C LYS B 229 -24.95 -7.52 -23.30
N ALA B 230 -24.93 -6.64 -24.29
CA ALA B 230 -26.06 -6.48 -25.23
C ALA B 230 -26.26 -7.77 -26.03
N LEU B 231 -25.16 -8.33 -26.53
CA LEU B 231 -25.17 -9.60 -27.23
C LEU B 231 -25.23 -10.72 -26.18
CA CA J . 1.11 -0.90 11.74
C1 BME K . 18.90 -7.04 25.00
C2 BME K . 17.63 -7.03 24.15
O1 BME K . 18.76 -6.13 26.09
S2 BME K . 16.56 -8.45 24.47
CA CA L . 1.79 -0.58 -11.72
CA CA M . 2.36 -4.30 -12.29
OH2 1PE N . -4.81 19.18 -28.10
C12 1PE N . -4.98 18.00 -28.88
C22 1PE N . -6.41 17.51 -28.79
OH3 1PE N . -6.44 16.14 -29.18
C13 1PE N . -7.09 13.90 -28.74
C23 1PE N . -7.26 15.34 -28.35
OH4 1PE N . -5.90 13.41 -28.14
C14 1PE N . -4.51 11.44 -27.75
C24 1PE N . -5.83 11.99 -28.25
OH5 1PE N . -3.45 12.37 -27.93
C15 1PE N . -1.32 12.56 -26.78
C25 1PE N . -2.19 11.76 -27.75
OH6 1PE N . -1.64 13.94 -26.75
C16 1PE N . -1.16 15.81 -25.32
C26 1PE N . -0.57 14.71 -26.18
OH7 1PE N . -1.07 17.05 -25.99
C1 PGE O . -13.64 16.58 12.44
O1 PGE O . -12.81 15.87 13.35
C2 PGE O . -14.94 15.85 12.11
O2 PGE O . -15.86 16.83 11.61
C3 PGE O . -17.08 16.34 11.06
C4 PGE O . -16.87 15.96 9.60
O4 PGE O . -17.56 16.22 5.23
C6 PGE O . -18.34 16.56 6.37
C5 PGE O . -18.00 15.62 7.52
O3 PGE O . -17.97 16.34 8.77
C1 BME P . 20.13 -3.61 -25.55
C2 BME P . 19.39 -3.24 -24.27
O1 BME P . 19.59 -4.85 -26.00
S2 BME P . 19.13 -1.45 -24.13
N SER Q . -10.82 30.30 -9.31
CA SER Q . -10.17 28.97 -9.60
C SER Q . -9.77 28.31 -8.29
O SER Q . -8.71 28.60 -7.73
CB SER Q . -8.97 29.11 -10.56
OG SER Q . -9.39 29.03 -11.92
OXT SER Q . -10.50 27.45 -7.77
CA CA R . 3.57 1.82 12.19
CA CA S . -8.86 2.37 -0.25
#